data_5QPM
#
_entry.id   5QPM
#
_cell.length_a   57.977
_cell.length_b   57.977
_cell.length_c   395.530
_cell.angle_alpha   90.000
_cell.angle_beta   90.000
_cell.angle_gamma   120.000
#
_symmetry.space_group_name_H-M   'P 61 2 2'
#
loop_
_entity.id
_entity.type
_entity.pdbx_description
1 polymer 'Farnesyl diphosphate synthase'
2 non-polymer 'SULFATE ION'
3 non-polymer 'ACETATE ION'
4 non-polymer 'ZINC ION'
5 non-polymer 1-(4-fluorophenyl)-3-(3-hydroxyphenyl)urea
6 water water
#
_entity_poly.entity_id   1
_entity_poly.type   'polypeptide(L)'
_entity_poly.pdbx_seq_one_letter_code
;GPMASMERFLSVYDEVQAFLLDQLQSKYEIDPNRARYLRIMMDTTCLGGKYFRGMTVVNVAEGFLAVTQHDEATKERILH
DACVGGWMIEFLQAHYLVEDDIMDGSVMRRGKPCWYRFPGVTTQCAINDGIILKSWTQIMAWHYFADRPFLKDLLCLFQK
VDYATAVGQMYDVTSMCDSNKLDPEVAQPMTTDFAEFTPAIYKRIVKYKTTFYTYLLPLVMGLLVSEAAASVEMNLVERV
AHLIGEYFQVQDDVMDCFTPPEQLGKVGTDIEDAKCSWLAVTFLGKANAAQVAEFKANYGEKDPAKVAVVKRLYSKANLQ
ADFAAYEAEVVREVESLIEQLKVKSPTFAESVAVVWEKTHKRKK
;
_entity_poly.pdbx_strand_id   A
#
loop_
_chem_comp.id
_chem_comp.type
_chem_comp.name
_chem_comp.formula
ACT non-polymer 'ACETATE ION' 'C2 H3 O2 -1'
LV1 non-polymer 1-(4-fluorophenyl)-3-(3-hydroxyphenyl)urea 'C13 H11 F N2 O2'
SO4 non-polymer 'SULFATE ION' 'O4 S -2'
ZN non-polymer 'ZINC ION' 'Zn 2'
#
# COMPACT_ATOMS: atom_id res chain seq x y z
N MET A 3 2.94 -27.14 -8.88
CA MET A 3 2.67 -26.54 -7.52
C MET A 3 1.80 -25.26 -7.50
N ALA A 4 0.75 -25.21 -6.68
CA ALA A 4 -0.10 -23.98 -6.59
C ALA A 4 0.63 -22.76 -6.01
N SER A 5 0.18 -21.61 -6.47
CA SER A 5 0.96 -20.36 -6.34
C SER A 5 1.11 -19.88 -4.95
N MET A 6 0.00 -19.93 -4.23
CA MET A 6 0.00 -19.49 -2.88
C MET A 6 0.90 -20.35 -1.99
N GLU A 7 0.84 -21.67 -2.16
CA GLU A 7 1.69 -22.54 -1.36
C GLU A 7 3.15 -22.39 -1.75
N ARG A 8 3.45 -22.06 -3.02
CA ARG A 8 4.83 -21.70 -3.37
C ARG A 8 5.28 -20.46 -2.61
N PHE A 9 4.41 -19.49 -2.62
CA PHE A 9 4.69 -18.16 -2.02
C PHE A 9 4.93 -18.34 -0.54
N LEU A 10 4.03 -19.05 0.12
CA LEU A 10 4.26 -19.40 1.53
C LEU A 10 5.50 -20.21 1.86
N SER A 11 5.87 -21.21 1.03
CA SER A 11 7.11 -21.91 1.20
C SER A 11 8.26 -21.03 1.10
N VAL A 12 8.16 -20.05 0.18
CA VAL A 12 9.29 -19.17 0.03
C VAL A 12 9.49 -18.22 1.26
N TYR A 13 8.36 -17.80 1.89
CA TYR A 13 8.48 -17.06 3.13
C TYR A 13 9.35 -17.87 4.16
N ASP A 14 9.00 -19.15 4.33
CA ASP A 14 9.74 -19.95 5.29
C ASP A 14 11.24 -20.04 4.94
N GLU A 15 11.53 -20.11 3.63
CA GLU A 15 12.87 -20.19 3.16
C GLU A 15 13.62 -18.90 3.47
N VAL A 16 12.99 -17.78 3.11
CA VAL A 16 13.60 -16.50 3.25
C VAL A 16 13.80 -16.19 4.73
N GLN A 17 12.83 -16.56 5.52
CA GLN A 17 12.95 -16.37 7.00
C GLN A 17 14.15 -17.13 7.56
N ALA A 18 14.30 -18.39 7.13
CA ALA A 18 15.35 -19.23 7.64
C ALA A 18 16.68 -18.66 7.19
N PHE A 19 16.76 -18.21 5.94
CA PHE A 19 17.91 -17.61 5.40
C PHE A 19 18.34 -16.36 6.23
N LEU A 20 17.37 -15.47 6.41
CA LEU A 20 17.69 -14.21 7.14
C LEU A 20 18.20 -14.53 8.59
N LEU A 21 17.48 -15.37 9.31
CA LEU A 21 17.83 -15.66 10.70
C LEU A 21 19.15 -16.47 10.79
N ASP A 22 19.38 -17.43 9.88
CA ASP A 22 20.67 -18.17 9.84
C ASP A 22 21.85 -17.21 9.61
N GLN A 23 21.65 -16.25 8.70
CA GLN A 23 22.64 -15.25 8.40
C GLN A 23 22.85 -14.36 9.64
N LEU A 24 21.82 -14.01 10.39
CA LEU A 24 22.08 -13.24 11.62
C LEU A 24 22.99 -13.98 12.56
N GLN A 25 22.78 -15.28 12.67
CA GLN A 25 23.62 -16.14 13.57
C GLN A 25 25.06 -16.30 13.01
N SER A 26 25.22 -16.51 11.73
CA SER A 26 26.53 -16.78 11.16
C SER A 26 27.35 -15.58 10.93
N LYS A 27 26.73 -14.45 10.63
CA LYS A 27 27.50 -13.28 10.28
C LYS A 27 27.30 -12.10 11.21
N TYR A 28 26.20 -12.09 11.98
CA TYR A 28 25.90 -10.88 12.82
C TYR A 28 25.90 -11.15 14.29
N GLU A 29 26.38 -12.32 14.65
CA GLU A 29 26.68 -12.65 16.06
C GLU A 29 25.40 -12.68 16.94
N ILE A 30 24.27 -12.91 16.33
CA ILE A 30 23.04 -12.92 17.09
C ILE A 30 22.92 -14.10 17.98
N ASP A 31 22.25 -13.92 19.08
CA ASP A 31 21.96 -15.01 20.03
C ASP A 31 20.57 -15.54 19.77
N PRO A 32 20.24 -16.72 20.28
CA PRO A 32 18.98 -17.34 19.94
C PRO A 32 17.73 -16.59 20.46
N ASN A 33 17.81 -15.87 21.55
CA ASN A 33 16.63 -15.22 22.02
C ASN A 33 16.29 -13.97 21.12
N ARG A 34 17.33 -13.24 20.71
CA ARG A 34 17.07 -12.09 19.84
C ARG A 34 16.69 -12.58 18.47
N ALA A 35 17.21 -13.76 18.07
CA ALA A 35 16.72 -14.34 16.82
C ALA A 35 15.29 -14.69 16.91
N ARG A 36 14.86 -15.27 18.05
CA ARG A 36 13.48 -15.54 18.23
C ARG A 36 12.54 -14.26 18.24
N TYR A 37 13.01 -13.22 18.93
CA TYR A 37 12.31 -11.92 18.85
C TYR A 37 12.07 -11.51 17.42
N LEU A 38 13.10 -11.59 16.59
CA LEU A 38 13.07 -11.12 15.20
C LEU A 38 12.21 -12.01 14.36
N ARG A 39 12.19 -13.29 14.63
CA ARG A 39 11.30 -14.22 13.97
C ARG A 39 9.86 -13.92 14.23
N ILE A 40 9.54 -13.63 15.51
CA ILE A 40 8.17 -13.36 15.88
C ILE A 40 7.76 -11.94 15.33
N MET A 41 8.65 -10.99 15.36
CA MET A 41 8.40 -9.70 14.70
C MET A 41 8.04 -9.82 13.20
N MET A 42 8.84 -10.64 12.52
CA MET A 42 8.67 -10.82 11.07
C MET A 42 7.34 -11.44 10.87
N ASP A 43 7.00 -12.52 11.61
CA ASP A 43 5.73 -13.15 11.41
C ASP A 43 4.55 -12.25 11.71
N THR A 44 4.70 -11.49 12.81
CA THR A 44 3.61 -10.65 13.22
C THR A 44 3.33 -9.48 12.32
N THR A 45 4.36 -8.92 11.71
CA THR A 45 4.27 -7.72 10.91
C THR A 45 4.11 -8.07 9.45
N CYS A 46 4.55 -9.30 9.04
CA CYS A 46 4.49 -9.62 7.59
C CYS A 46 3.40 -10.59 7.14
N LEU A 47 2.86 -11.39 8.06
CA LEU A 47 1.88 -12.37 7.75
C LEU A 47 0.47 -11.98 8.25
N GLY A 48 -0.53 -12.56 7.62
CA GLY A 48 -1.93 -12.57 8.03
C GLY A 48 -2.84 -11.66 7.19
N GLY A 49 -2.26 -10.95 6.26
CA GLY A 49 -3.02 -10.32 5.21
C GLY A 49 -3.34 -11.26 4.07
N LYS A 50 -3.76 -10.69 2.95
CA LYS A 50 -4.12 -11.46 1.78
C LYS A 50 -2.93 -11.66 0.81
N TYR A 51 -1.85 -10.89 0.97
CA TYR A 51 -0.63 -11.05 0.14
C TYR A 51 -1.01 -10.64 -1.28
N PHE A 52 -1.93 -9.71 -1.40
CA PHE A 52 -2.28 -9.23 -2.70
C PHE A 52 -1.08 -8.75 -3.48
N ARG A 53 -0.29 -7.89 -2.85
CA ARG A 53 0.82 -7.26 -3.49
C ARG A 53 1.85 -8.30 -3.93
N GLY A 54 2.28 -9.15 -3.02
CA GLY A 54 3.28 -10.12 -3.28
C GLY A 54 2.82 -11.14 -4.34
N MET A 55 1.59 -11.58 -4.22
CA MET A 55 1.00 -12.55 -5.14
C MET A 55 0.77 -11.96 -6.53
N THR A 56 0.65 -10.64 -6.67
CA THR A 56 0.51 -10.02 -8.01
C THR A 56 1.84 -10.27 -8.78
N VAL A 57 2.99 -10.20 -8.12
CA VAL A 57 4.27 -10.49 -8.81
C VAL A 57 4.22 -11.95 -9.39
N VAL A 58 3.82 -12.91 -8.54
CA VAL A 58 3.64 -14.28 -8.94
C VAL A 58 2.65 -14.44 -10.09
N ASN A 59 1.53 -13.73 -10.01
CA ASN A 59 0.50 -13.82 -11.02
C ASN A 59 0.94 -13.35 -12.40
N VAL A 60 1.65 -12.23 -12.44
CA VAL A 60 2.15 -11.63 -13.68
C VAL A 60 3.15 -12.65 -14.24
N ALA A 61 4.03 -13.13 -13.38
CA ALA A 61 5.06 -14.11 -13.84
C ALA A 61 4.44 -15.40 -14.43
N GLU A 62 3.42 -15.93 -13.75
CA GLU A 62 2.72 -17.13 -14.21
C GLU A 62 2.10 -16.84 -15.55
N GLY A 63 1.53 -15.63 -15.79
CA GLY A 63 0.94 -15.30 -17.08
C GLY A 63 1.96 -15.43 -18.23
N PHE A 64 3.13 -14.89 -18.01
CA PHE A 64 4.23 -14.94 -18.98
C PHE A 64 4.70 -16.36 -19.18
N LEU A 65 4.67 -17.18 -18.15
CA LEU A 65 5.16 -18.56 -18.29
C LEU A 65 4.28 -19.36 -19.22
N ALA A 66 2.99 -19.07 -19.21
CA ALA A 66 2.04 -19.77 -20.01
C ALA A 66 2.21 -19.54 -21.50
N VAL A 67 2.94 -18.53 -21.92
CA VAL A 67 3.10 -18.17 -23.33
C VAL A 67 4.57 -18.06 -23.78
N THR A 68 5.51 -18.49 -22.95
CA THR A 68 6.90 -18.34 -23.27
C THR A 68 7.54 -19.68 -23.10
N GLN A 69 8.38 -20.06 -24.07
CA GLN A 69 9.15 -21.28 -24.00
C GLN A 69 10.30 -21.22 -23.03
N HIS A 70 10.28 -22.20 -22.13
CA HIS A 70 11.36 -22.33 -21.14
C HIS A 70 11.56 -23.81 -20.69
N ASP A 71 12.81 -24.16 -20.31
CA ASP A 71 13.13 -25.38 -19.58
C ASP A 71 12.35 -25.36 -18.26
N GLU A 72 12.00 -26.56 -17.78
CA GLU A 72 11.35 -26.67 -16.47
C GLU A 72 12.11 -25.95 -15.37
N ALA A 73 13.42 -26.16 -15.26
CA ALA A 73 14.22 -25.51 -14.24
C ALA A 73 14.12 -23.97 -14.30
N THR A 74 13.95 -23.45 -15.49
CA THR A 74 13.83 -22.00 -15.69
C THR A 74 12.45 -21.55 -15.16
N LYS A 75 11.38 -22.31 -15.45
CA LYS A 75 10.05 -21.96 -14.97
C LYS A 75 10.12 -21.90 -13.42
N GLU A 76 10.84 -22.83 -12.82
CA GLU A 76 10.94 -22.84 -11.36
C GLU A 76 11.73 -21.70 -10.82
N ARG A 77 12.83 -21.31 -11.48
CA ARG A 77 13.63 -20.20 -11.07
C ARG A 77 12.88 -18.83 -11.18
N ILE A 78 12.11 -18.69 -12.23
CA ILE A 78 11.35 -17.45 -12.47
C ILE A 78 10.27 -17.44 -11.38
N LEU A 79 9.61 -18.55 -11.09
CA LEU A 79 8.57 -18.52 -10.06
C LEU A 79 9.16 -18.28 -8.68
N HIS A 80 10.28 -18.89 -8.39
CA HIS A 80 11.02 -18.58 -7.13
C HIS A 80 11.38 -17.10 -7.00
N ASP A 81 11.85 -16.53 -8.10
CA ASP A 81 12.22 -15.15 -8.14
C ASP A 81 10.96 -14.28 -7.92
N ALA A 82 9.86 -14.61 -8.59
CA ALA A 82 8.62 -13.84 -8.42
C ALA A 82 8.20 -13.86 -6.92
N CYS A 83 8.40 -15.01 -6.28
CA CYS A 83 8.05 -15.11 -4.85
C CYS A 83 8.95 -14.24 -3.99
N VAL A 84 10.25 -14.32 -4.17
CA VAL A 84 11.17 -13.49 -3.46
C VAL A 84 10.85 -11.99 -3.65
N GLY A 85 10.65 -11.63 -4.89
CA GLY A 85 10.23 -10.28 -5.24
C GLY A 85 8.93 -9.88 -4.53
N GLY A 86 7.95 -10.74 -4.53
CA GLY A 86 6.71 -10.52 -3.87
C GLY A 86 6.92 -10.27 -2.36
N TRP A 87 7.75 -11.08 -1.73
CA TRP A 87 8.04 -10.88 -0.27
C TRP A 87 8.78 -9.59 0.01
N MET A 88 9.64 -9.12 -0.92
CA MET A 88 10.24 -7.83 -0.81
C MET A 88 9.12 -6.81 -0.68
N ILE A 89 8.05 -6.93 -1.46
CA ILE A 89 7.03 -5.89 -1.47
C ILE A 89 6.27 -6.00 -0.16
N GLU A 90 5.99 -7.25 0.24
CA GLU A 90 5.25 -7.47 1.49
C GLU A 90 6.01 -6.94 2.71
N PHE A 91 7.33 -7.16 2.78
CA PHE A 91 8.18 -6.66 3.82
C PHE A 91 8.26 -5.12 3.74
N LEU A 92 8.25 -4.57 2.53
CA LEU A 92 8.24 -3.09 2.39
C LEU A 92 6.93 -2.54 2.95
N GLN A 93 5.83 -3.19 2.63
CA GLN A 93 4.52 -2.75 3.25
C GLN A 93 4.59 -2.87 4.77
N ALA A 94 5.10 -3.97 5.24
CA ALA A 94 5.24 -4.22 6.71
C ALA A 94 6.00 -3.10 7.43
N HIS A 95 7.13 -2.68 6.86
CA HIS A 95 7.88 -1.48 7.26
C HIS A 95 7.03 -0.27 7.39
N TYR A 96 6.31 0.01 6.33
CA TYR A 96 5.45 1.20 6.35
C TYR A 96 4.29 1.09 7.34
N LEU A 97 3.69 -0.08 7.51
CA LEU A 97 2.61 -0.20 8.49
C LEU A 97 3.09 -0.05 9.91
N VAL A 98 4.21 -0.70 10.24
CA VAL A 98 4.85 -0.51 11.56
C VAL A 98 5.10 0.96 11.87
N GLU A 99 5.75 1.66 10.96
CA GLU A 99 6.19 3.03 11.25
C GLU A 99 4.93 3.93 11.24
N ASP A 100 4.01 3.67 10.32
N ASP A 100 4.00 3.67 10.33
CA ASP A 100 2.81 4.50 10.21
CA ASP A 100 2.78 4.49 10.17
C ASP A 100 1.92 4.37 11.43
C ASP A 100 1.94 4.38 11.43
N ASP A 101 1.80 3.16 11.93
CA ASP A 101 1.03 2.94 13.17
C ASP A 101 1.65 3.74 14.28
N ILE A 102 3.00 3.80 14.39
CA ILE A 102 3.66 4.54 15.43
C ILE A 102 3.41 6.00 15.22
N MET A 103 3.58 6.46 14.00
CA MET A 103 3.38 7.83 13.69
C MET A 103 1.98 8.34 13.98
N ASP A 104 0.97 7.52 13.71
CA ASP A 104 -0.37 7.98 13.81
C ASP A 104 -0.98 7.62 15.16
N GLY A 105 -0.28 6.93 16.06
CA GLY A 105 -0.80 6.56 17.32
C GLY A 105 -1.91 5.56 17.16
N SER A 106 -1.82 4.73 16.14
CA SER A 106 -2.82 3.75 15.88
C SER A 106 -2.88 2.67 16.99
N VAL A 107 -4.09 2.06 17.14
CA VAL A 107 -4.38 1.09 18.15
C VAL A 107 -4.39 -0.36 17.65
N MET A 108 -5.15 -0.65 16.61
CA MET A 108 -5.27 -1.94 16.07
C MET A 108 -4.93 -1.90 14.59
N ARG A 109 -4.61 -3.07 14.08
CA ARG A 109 -4.38 -3.30 12.67
C ARG A 109 -4.77 -4.75 12.43
N ARG A 110 -5.68 -5.02 11.48
CA ARG A 110 -6.15 -6.43 11.24
C ARG A 110 -6.69 -7.11 12.53
N GLY A 111 -7.42 -6.40 13.39
CA GLY A 111 -8.00 -7.04 14.59
C GLY A 111 -7.02 -7.41 15.69
N LYS A 112 -5.71 -7.08 15.55
CA LYS A 112 -4.71 -7.25 16.60
C LYS A 112 -4.05 -5.91 16.98
N PRO A 113 -3.43 -5.81 18.16
CA PRO A 113 -2.76 -4.57 18.50
C PRO A 113 -1.67 -4.24 17.45
N CYS A 114 -1.50 -2.98 17.17
CA CYS A 114 -0.28 -2.55 16.41
C CYS A 114 0.97 -3.11 17.08
N TRP A 115 1.99 -3.43 16.28
CA TRP A 115 3.22 -4.01 16.79
C TRP A 115 3.81 -3.22 17.96
N TYR A 116 3.93 -1.89 17.88
CA TYR A 116 4.58 -1.13 18.91
C TYR A 116 3.88 -1.23 20.30
N ARG A 117 2.63 -1.60 20.26
CA ARG A 117 1.74 -1.74 21.46
C ARG A 117 1.90 -3.11 22.12
N PHE A 118 2.60 -4.06 21.50
CA PHE A 118 2.84 -5.34 22.22
C PHE A 118 3.66 -5.07 23.47
N PRO A 119 3.37 -5.77 24.57
CA PRO A 119 4.03 -5.30 25.80
C PRO A 119 5.55 -5.32 25.86
N GLY A 120 6.14 -6.28 25.14
CA GLY A 120 7.58 -6.52 25.14
C GLY A 120 8.25 -5.91 23.92
N VAL A 121 7.55 -5.03 23.23
CA VAL A 121 8.08 -4.31 22.04
C VAL A 121 8.42 -2.87 22.44
N THR A 122 7.38 -2.04 22.55
CA THR A 122 7.46 -0.61 22.81
C THR A 122 7.92 0.13 21.58
N THR A 123 7.69 1.42 21.61
CA THR A 123 8.04 2.24 20.45
C THR A 123 9.58 2.24 20.25
N GLN A 124 10.33 2.19 21.36
CA GLN A 124 11.75 2.27 21.32
C GLN A 124 12.28 1.17 20.43
N CYS A 125 11.71 0.01 20.56
CA CYS A 125 12.11 -1.12 19.70
C CYS A 125 11.45 -1.11 18.37
N ALA A 126 10.13 -0.82 18.36
CA ALA A 126 9.37 -0.99 17.15
C ALA A 126 9.86 -0.12 15.99
N ILE A 127 10.32 1.10 16.27
CA ILE A 127 10.81 2.01 15.21
C ILE A 127 11.97 1.25 14.54
N ASN A 128 12.84 0.70 15.37
CA ASN A 128 14.00 -0.02 14.77
C ASN A 128 13.60 -1.30 14.11
N ASP A 129 12.59 -2.02 14.61
CA ASP A 129 12.06 -3.20 13.94
C ASP A 129 11.56 -2.91 12.53
N GLY A 130 10.85 -1.77 12.40
CA GLY A 130 10.40 -1.30 11.12
C GLY A 130 11.58 -1.02 10.19
N ILE A 131 12.65 -0.47 10.71
CA ILE A 131 13.91 -0.24 9.92
C ILE A 131 14.44 -1.58 9.37
N ILE A 132 14.57 -2.51 10.24
CA ILE A 132 15.01 -3.86 9.92
C ILE A 132 14.14 -4.52 8.87
N LEU A 133 12.80 -4.40 8.97
CA LEU A 133 11.93 -4.86 7.97
C LEU A 133 12.34 -4.44 6.55
N LYS A 134 12.61 -3.18 6.41
CA LYS A 134 12.95 -2.68 5.08
C LYS A 134 14.38 -3.11 4.70
N SER A 135 15.33 -3.05 5.66
CA SER A 135 16.69 -3.58 5.41
C SER A 135 16.60 -5.02 4.91
N TRP A 136 15.76 -5.88 5.48
CA TRP A 136 15.62 -7.23 4.96
C TRP A 136 15.26 -7.34 3.45
N THR A 137 14.45 -6.37 2.94
CA THR A 137 14.17 -6.41 1.50
C THR A 137 15.44 -6.34 0.69
N GLN A 138 16.37 -5.52 1.14
CA GLN A 138 17.65 -5.37 0.40
C GLN A 138 18.47 -6.61 0.59
N ILE A 139 18.45 -7.19 1.80
CA ILE A 139 19.25 -8.44 2.00
C ILE A 139 18.72 -9.51 1.11
N MET A 140 17.40 -9.71 0.96
CA MET A 140 16.83 -10.68 0.07
C MET A 140 17.30 -10.45 -1.37
N ALA A 141 17.15 -9.22 -1.86
CA ALA A 141 17.47 -8.93 -3.25
C ALA A 141 18.94 -9.28 -3.59
N TRP A 142 19.85 -8.82 -2.78
CA TRP A 142 21.28 -9.04 -3.09
C TRP A 142 21.62 -10.55 -3.02
N HIS A 143 21.01 -11.24 -2.08
CA HIS A 143 21.27 -12.69 -1.96
C HIS A 143 20.64 -13.43 -3.11
N TYR A 144 19.33 -13.36 -3.28
CA TYR A 144 18.62 -14.21 -4.25
C TYR A 144 18.84 -13.79 -5.72
N PHE A 145 19.02 -12.50 -5.95
CA PHE A 145 19.15 -11.96 -7.34
C PHE A 145 20.55 -11.56 -7.76
N ALA A 146 21.56 -12.02 -7.04
CA ALA A 146 22.89 -11.55 -7.18
C ALA A 146 23.43 -11.65 -8.64
N ASP A 147 23.14 -12.75 -9.29
CA ASP A 147 23.63 -12.93 -10.65
C ASP A 147 22.56 -12.61 -11.72
N ARG A 148 21.42 -12.05 -11.32
CA ARG A 148 20.31 -11.89 -12.23
C ARG A 148 20.45 -10.65 -13.10
N PRO A 149 20.03 -10.76 -14.35
CA PRO A 149 20.21 -9.59 -15.22
C PRO A 149 19.35 -8.42 -14.86
N PHE A 150 18.25 -8.69 -14.17
CA PHE A 150 17.26 -7.67 -13.76
C PHE A 150 17.61 -7.02 -12.41
N LEU A 151 18.70 -7.45 -11.77
CA LEU A 151 19.03 -6.94 -10.39
C LEU A 151 19.04 -5.46 -10.36
N LYS A 152 19.85 -4.82 -11.23
CA LYS A 152 19.89 -3.37 -11.21
C LYS A 152 18.53 -2.69 -11.43
N ASP A 153 17.78 -3.09 -12.44
CA ASP A 153 16.55 -2.43 -12.69
C ASP A 153 15.60 -2.68 -11.50
N LEU A 154 15.59 -3.89 -10.94
CA LEU A 154 14.69 -4.20 -9.78
C LEU A 154 15.08 -3.29 -8.56
N LEU A 155 16.35 -3.20 -8.20
CA LEU A 155 16.80 -2.35 -7.09
C LEU A 155 16.48 -0.89 -7.33
N CYS A 156 16.70 -0.41 -8.55
CA CYS A 156 16.43 0.98 -8.88
C CYS A 156 14.87 1.28 -8.76
N LEU A 157 14.04 0.44 -9.33
CA LEU A 157 12.57 0.49 -9.25
C LEU A 157 12.13 0.52 -7.77
N PHE A 158 12.63 -0.46 -7.01
CA PHE A 158 12.30 -0.60 -5.60
C PHE A 158 12.60 0.67 -4.84
N GLN A 159 13.76 1.23 -5.12
N GLN A 159 13.78 1.26 -5.07
CA GLN A 159 14.26 2.40 -4.48
CA GLN A 159 14.18 2.51 -4.40
C GLN A 159 13.39 3.63 -4.74
C GLN A 159 13.21 3.63 -4.71
N LYS A 160 12.96 3.82 -5.97
CA LYS A 160 12.11 4.95 -6.32
C LYS A 160 10.64 4.80 -5.83
N VAL A 161 10.17 3.57 -5.69
CA VAL A 161 8.85 3.34 -5.14
C VAL A 161 8.84 3.59 -3.63
N ASP A 162 9.91 3.12 -2.97
CA ASP A 162 10.12 3.35 -1.52
C ASP A 162 10.14 4.89 -1.23
N TYR A 163 10.91 5.66 -2.00
CA TYR A 163 10.96 7.04 -1.89
C TYR A 163 9.61 7.73 -2.17
N ALA A 164 8.98 7.38 -3.25
CA ALA A 164 7.66 7.92 -3.55
C ALA A 164 6.73 7.69 -2.37
N THR A 165 6.79 6.51 -1.77
CA THR A 165 5.95 6.16 -0.65
C THR A 165 6.19 7.03 0.55
N ALA A 166 7.42 7.29 0.87
CA ALA A 166 7.75 8.15 2.00
C ALA A 166 7.32 9.59 1.71
N VAL A 167 7.48 10.03 0.46
CA VAL A 167 6.98 11.35 0.06
C VAL A 167 5.44 11.41 0.23
N GLY A 168 4.77 10.35 -0.16
CA GLY A 168 3.35 10.27 0.07
C GLY A 168 2.89 10.30 1.54
N GLN A 169 3.66 9.66 2.42
CA GLN A 169 3.34 9.73 3.84
C GLN A 169 3.47 11.21 4.31
N MET A 170 4.45 11.94 3.83
CA MET A 170 4.57 13.36 4.17
C MET A 170 3.36 14.17 3.68
N TYR A 171 2.91 13.86 2.46
CA TYR A 171 1.72 14.55 1.91
C TYR A 171 0.50 14.23 2.80
N ASP A 172 0.35 12.99 3.24
CA ASP A 172 -0.76 12.52 4.03
C ASP A 172 -0.82 13.14 5.43
N VAL A 173 0.30 13.12 6.13
CA VAL A 173 0.29 13.62 7.51
C VAL A 173 0.20 15.13 7.56
N THR A 174 0.62 15.80 6.50
CA THR A 174 0.48 17.23 6.43
C THR A 174 -0.83 17.71 5.70
N SER A 175 -1.73 16.81 5.35
CA SER A 175 -2.87 17.14 4.48
C SER A 175 -3.90 18.11 5.18
N MET A 176 -3.88 18.15 6.53
CA MET A 176 -4.80 19.03 7.28
C MET A 176 -4.18 20.32 7.74
N CYS A 177 -2.96 20.65 7.31
CA CYS A 177 -2.34 21.92 7.56
C CYS A 177 -2.44 22.81 6.36
N ASP A 178 -2.27 24.12 6.58
CA ASP A 178 -2.23 25.02 5.42
C ASP A 178 -0.80 25.03 4.93
N SER A 179 -0.54 24.76 3.64
CA SER A 179 0.82 24.70 3.16
C SER A 179 1.68 25.91 3.43
N ASN A 180 1.08 27.07 3.26
CA ASN A 180 1.80 28.27 3.49
C ASN A 180 2.25 28.44 4.95
N LYS A 181 1.67 27.70 5.90
CA LYS A 181 2.07 27.79 7.32
C LYS A 181 3.06 26.70 7.75
N LEU A 182 3.44 25.75 6.89
CA LEU A 182 4.41 24.68 7.28
C LEU A 182 5.68 25.34 7.66
N ASP A 183 6.23 24.96 8.80
CA ASP A 183 7.39 25.59 9.31
C ASP A 183 7.89 24.73 10.47
N PRO A 184 9.09 24.13 10.36
CA PRO A 184 9.57 23.33 11.49
C PRO A 184 9.62 24.04 12.86
N GLU A 185 9.76 25.38 12.84
CA GLU A 185 9.85 26.14 14.04
C GLU A 185 8.51 26.42 14.68
N VAL A 186 7.36 26.14 14.03
CA VAL A 186 6.05 26.64 14.55
C VAL A 186 5.07 25.51 14.61
N ALA A 187 4.43 25.30 15.76
CA ALA A 187 3.47 24.20 15.84
C ALA A 187 2.33 24.44 14.88
N GLN A 188 1.91 23.37 14.24
CA GLN A 188 1.05 23.50 13.07
C GLN A 188 -0.44 23.45 13.36
N PRO A 189 -1.17 24.56 13.09
CA PRO A 189 -2.63 24.52 13.29
C PRO A 189 -3.30 23.71 12.21
N MET A 190 -4.37 23.08 12.57
CA MET A 190 -5.26 22.56 11.57
C MET A 190 -5.81 23.70 10.69
N THR A 191 -5.93 23.45 9.36
CA THR A 191 -6.62 24.36 8.46
C THR A 191 -8.00 24.73 9.02
N THR A 192 -8.35 26.01 8.86
CA THR A 192 -9.75 26.47 9.13
C THR A 192 -10.52 26.63 7.83
N ASP A 193 -9.87 26.95 6.71
CA ASP A 193 -10.59 27.12 5.43
C ASP A 193 -10.83 25.86 4.59
N PHE A 194 -10.03 24.81 4.82
CA PHE A 194 -10.10 23.58 4.05
C PHE A 194 -9.92 23.87 2.53
N ALA A 195 -9.28 24.93 2.18
CA ALA A 195 -9.00 25.24 0.76
C ALA A 195 -8.12 24.22 0.07
N GLU A 196 -7.34 23.47 0.85
CA GLU A 196 -6.54 22.41 0.26
C GLU A 196 -7.23 21.04 0.24
N PHE A 197 -8.54 20.96 0.55
CA PHE A 197 -9.24 19.75 0.36
C PHE A 197 -9.82 19.78 -1.07
N THR A 198 -8.98 19.50 -2.06
CA THR A 198 -9.38 19.46 -3.45
C THR A 198 -9.16 18.07 -4.05
N PRO A 199 -9.87 17.79 -5.17
CA PRO A 199 -9.60 16.58 -5.88
C PRO A 199 -8.12 16.47 -6.29
N ALA A 200 -7.48 17.50 -6.81
CA ALA A 200 -6.14 17.31 -7.31
C ALA A 200 -5.19 17.04 -6.14
N ILE A 201 -5.44 17.68 -4.99
CA ILE A 201 -4.55 17.51 -3.81
C ILE A 201 -4.70 16.14 -3.22
N TYR A 202 -5.96 15.68 -3.09
CA TYR A 202 -6.25 14.35 -2.71
C TYR A 202 -5.54 13.31 -3.59
N LYS A 203 -5.72 13.45 -4.90
CA LYS A 203 -5.08 12.58 -5.89
C LYS A 203 -3.58 12.47 -5.66
N ARG A 204 -2.93 13.58 -5.39
CA ARG A 204 -1.48 13.59 -5.13
C ARG A 204 -1.12 12.76 -3.91
N ILE A 205 -1.93 12.89 -2.83
CA ILE A 205 -1.63 12.15 -1.62
C ILE A 205 -1.66 10.71 -1.96
N VAL A 206 -2.78 10.28 -2.53
CA VAL A 206 -3.04 8.86 -2.76
C VAL A 206 -2.08 8.23 -3.80
N LYS A 207 -1.77 9.04 -4.80
CA LYS A 207 -0.88 8.58 -5.81
C LYS A 207 0.46 8.12 -5.17
N TYR A 208 1.07 8.98 -4.36
CA TYR A 208 2.37 8.72 -3.74
C TYR A 208 2.26 7.75 -2.53
N LYS A 209 1.26 7.87 -1.68
CA LYS A 209 1.29 7.11 -0.48
C LYS A 209 0.98 5.61 -0.65
N THR A 210 0.22 5.25 -1.72
CA THR A 210 -0.30 3.92 -1.81
C THR A 210 -0.05 3.31 -3.20
N THR A 211 -0.23 4.06 -4.26
CA THR A 211 -0.30 3.45 -5.60
C THR A 211 1.01 2.90 -6.10
N PHE A 212 2.12 3.56 -5.79
CA PHE A 212 3.43 3.10 -6.27
C PHE A 212 3.69 1.73 -5.63
N TYR A 213 3.58 1.52 -4.32
CA TYR A 213 3.91 0.22 -3.73
C TYR A 213 2.85 -0.83 -3.83
N THR A 214 1.60 -0.41 -3.97
CA THR A 214 0.53 -1.38 -4.00
C THR A 214 0.23 -1.92 -5.44
N TYR A 215 0.36 -1.09 -6.46
CA TYR A 215 -0.03 -1.51 -7.80
C TYR A 215 1.11 -1.41 -8.75
N LEU A 216 1.87 -0.30 -8.76
CA LEU A 216 2.94 -0.19 -9.75
C LEU A 216 4.05 -1.19 -9.47
N LEU A 217 4.55 -1.26 -8.25
CA LEU A 217 5.69 -2.11 -7.93
C LEU A 217 5.36 -3.60 -8.19
N PRO A 218 4.20 -4.16 -7.75
CA PRO A 218 3.97 -5.56 -8.03
C PRO A 218 3.86 -5.88 -9.55
N LEU A 219 3.19 -5.00 -10.30
CA LEU A 219 3.15 -5.14 -11.76
C LEU A 219 4.50 -5.14 -12.42
N VAL A 220 5.30 -4.15 -12.16
CA VAL A 220 6.55 -3.99 -12.84
C VAL A 220 7.59 -5.00 -12.35
N MET A 221 7.59 -5.35 -11.06
CA MET A 221 8.46 -6.46 -10.59
C MET A 221 8.14 -7.75 -11.34
N GLY A 222 6.86 -8.00 -11.54
CA GLY A 222 6.48 -9.20 -12.32
C GLY A 222 7.02 -9.16 -13.72
N LEU A 223 6.97 -7.99 -14.33
CA LEU A 223 7.63 -7.84 -15.65
C LEU A 223 9.14 -8.04 -15.59
N LEU A 224 9.79 -7.54 -14.55
CA LEU A 224 11.22 -7.61 -14.52
C LEU A 224 11.71 -9.05 -14.26
N VAL A 225 11.07 -9.79 -13.35
CA VAL A 225 11.50 -11.17 -13.04
C VAL A 225 11.23 -12.09 -14.28
N SER A 226 10.31 -11.66 -15.13
CA SER A 226 9.93 -12.38 -16.38
C SER A 226 10.74 -11.92 -17.59
N GLU A 227 11.60 -10.92 -17.43
CA GLU A 227 12.34 -10.30 -18.55
C GLU A 227 11.45 -9.90 -19.65
N ALA A 228 10.35 -9.29 -19.27
CA ALA A 228 9.26 -8.93 -20.18
C ALA A 228 9.00 -7.41 -20.21
N ALA A 229 9.81 -6.56 -19.59
CA ALA A 229 9.50 -5.13 -19.59
C ALA A 229 9.33 -4.52 -21.01
N ALA A 230 9.84 -5.16 -22.07
CA ALA A 230 9.49 -4.77 -23.51
C ALA A 230 8.18 -5.37 -24.09
N SER A 231 7.44 -6.19 -23.37
CA SER A 231 6.08 -6.52 -23.74
C SER A 231 5.09 -5.36 -23.45
N VAL A 232 5.56 -4.21 -22.91
CA VAL A 232 4.60 -3.21 -22.45
C VAL A 232 5.14 -1.83 -22.68
N GLU A 233 4.22 -0.88 -22.72
CA GLU A 233 4.51 0.54 -22.82
C GLU A 233 4.47 0.98 -21.34
N MET A 234 5.61 1.35 -20.78
CA MET A 234 5.68 1.61 -19.35
C MET A 234 4.78 2.78 -18.95
N ASN A 235 4.68 3.86 -19.80
CA ASN A 235 3.71 4.90 -19.45
C ASN A 235 2.28 4.39 -19.25
N LEU A 236 1.85 3.37 -20.01
CA LEU A 236 0.50 2.83 -19.83
C LEU A 236 0.37 2.05 -18.55
N VAL A 237 1.42 1.30 -18.22
CA VAL A 237 1.42 0.56 -16.92
C VAL A 237 1.33 1.55 -15.76
N GLU A 238 2.07 2.62 -15.80
CA GLU A 238 1.97 3.62 -14.72
C GLU A 238 0.57 4.21 -14.60
N ARG A 239 -0.03 4.57 -15.73
CA ARG A 239 -1.38 5.15 -15.73
C ARG A 239 -2.37 4.24 -15.12
N VAL A 240 -2.35 3.00 -15.56
CA VAL A 240 -3.32 2.06 -15.05
C VAL A 240 -3.10 1.77 -13.58
N ALA A 241 -1.83 1.66 -13.16
CA ALA A 241 -1.52 1.49 -11.75
C ALA A 241 -2.02 2.67 -10.90
N HIS A 242 -1.87 3.89 -11.41
CA HIS A 242 -2.27 5.10 -10.65
C HIS A 242 -3.78 5.18 -10.58
N LEU A 243 -4.49 4.80 -11.66
CA LEU A 243 -5.94 4.79 -11.64
C LEU A 243 -6.53 3.78 -10.72
N ILE A 244 -6.06 2.55 -10.85
CA ILE A 244 -6.61 1.56 -9.95
C ILE A 244 -6.33 1.85 -8.45
N GLY A 245 -5.09 2.28 -8.20
CA GLY A 245 -4.64 2.60 -6.85
C GLY A 245 -5.46 3.72 -6.22
N GLU A 246 -5.80 4.73 -7.01
CA GLU A 246 -6.68 5.80 -6.57
C GLU A 246 -8.03 5.24 -6.12
N TYR A 247 -8.62 4.44 -7.00
CA TYR A 247 -9.88 3.76 -6.66
C TYR A 247 -9.83 2.94 -5.35
N PHE A 248 -8.75 2.19 -5.21
CA PHE A 248 -8.52 1.37 -4.02
C PHE A 248 -8.67 2.26 -2.77
N GLN A 249 -8.01 3.41 -2.82
CA GLN A 249 -7.93 4.31 -1.64
C GLN A 249 -9.23 5.00 -1.35
N VAL A 250 -9.96 5.31 -2.40
CA VAL A 250 -11.27 5.89 -2.29
C VAL A 250 -12.16 4.89 -1.54
N GLN A 251 -12.11 3.60 -1.86
CA GLN A 251 -12.79 2.57 -1.06
C GLN A 251 -12.33 2.52 0.38
N ASP A 252 -11.02 2.44 0.59
CA ASP A 252 -10.40 2.54 1.93
C ASP A 252 -10.89 3.76 2.76
N ASP A 253 -10.96 4.93 2.15
CA ASP A 253 -11.48 6.15 2.82
C ASP A 253 -12.96 5.96 3.19
N VAL A 254 -13.80 5.47 2.26
CA VAL A 254 -15.23 5.27 2.62
C VAL A 254 -15.40 4.28 3.77
N MET A 255 -14.63 3.22 3.73
CA MET A 255 -14.70 2.16 4.74
C MET A 255 -14.32 2.72 6.13
N ASP A 256 -13.26 3.52 6.19
CA ASP A 256 -12.76 4.08 7.45
C ASP A 256 -13.89 4.75 8.24
N CYS A 257 -14.79 5.42 7.51
CA CYS A 257 -15.99 6.07 8.10
C CYS A 257 -17.14 5.08 8.38
N PHE A 258 -17.47 4.25 7.38
CA PHE A 258 -18.80 3.55 7.37
C PHE A 258 -18.80 2.06 7.63
N THR A 259 -17.66 1.38 7.50
CA THR A 259 -17.56 -0.07 7.84
C THR A 259 -17.47 -0.24 9.35
N PRO A 260 -18.37 -1.10 9.95
CA PRO A 260 -18.28 -1.41 11.39
C PRO A 260 -16.85 -1.78 11.82
N PRO A 261 -16.38 -1.26 13.00
CA PRO A 261 -15.01 -1.53 13.44
C PRO A 261 -14.54 -3.02 13.35
N GLU A 262 -15.28 -3.94 13.98
CA GLU A 262 -14.93 -5.39 14.00
C GLU A 262 -14.71 -6.01 12.61
N GLN A 263 -15.43 -5.50 11.60
CA GLN A 263 -15.26 -5.90 10.20
C GLN A 263 -14.07 -5.18 9.53
N LEU A 264 -13.92 -3.89 9.80
CA LEU A 264 -12.76 -3.11 9.31
C LEU A 264 -11.38 -3.54 9.92
N GLY A 265 -11.38 -4.33 11.01
CA GLY A 265 -10.13 -4.71 11.70
C GLY A 265 -9.48 -3.54 12.46
N LYS A 266 -10.29 -2.48 12.69
CA LYS A 266 -9.83 -1.12 13.04
C LYS A 266 -11.05 -0.25 13.48
N VAL A 267 -10.89 0.58 14.53
CA VAL A 267 -11.76 1.78 14.76
C VAL A 267 -11.20 2.94 13.90
N GLY A 268 -11.93 3.31 12.83
CA GLY A 268 -11.51 4.42 11.95
C GLY A 268 -11.51 5.78 12.65
N THR A 269 -10.44 6.56 12.45
CA THR A 269 -10.31 7.89 13.06
C THR A 269 -10.01 9.05 12.04
N ASP A 270 -10.37 8.88 10.75
CA ASP A 270 -10.00 9.89 9.73
C ASP A 270 -10.68 11.21 9.98
N ILE A 271 -11.93 11.17 10.47
CA ILE A 271 -12.60 12.40 10.87
C ILE A 271 -11.89 13.13 11.98
N GLU A 272 -11.52 12.40 13.04
CA GLU A 272 -10.87 12.98 14.18
C GLU A 272 -9.50 13.46 13.85
N ASP A 273 -8.82 12.71 12.96
CA ASP A 273 -7.47 13.06 12.50
C ASP A 273 -7.49 14.13 11.41
N ALA A 274 -8.71 14.57 11.02
CA ALA A 274 -8.93 15.64 10.08
C ALA A 274 -8.29 15.27 8.71
N LYS A 275 -8.39 13.99 8.36
CA LYS A 275 -7.69 13.55 7.13
C LYS A 275 -8.41 14.14 5.88
N CYS A 276 -7.59 14.45 4.88
CA CYS A 276 -8.07 14.72 3.53
C CYS A 276 -8.55 13.43 2.91
N SER A 277 -9.79 13.06 3.18
CA SER A 277 -10.39 11.87 2.62
C SER A 277 -11.25 12.21 1.41
N TRP A 278 -11.57 11.17 0.64
CA TRP A 278 -12.44 11.32 -0.49
C TRP A 278 -13.84 11.83 -0.04
N LEU A 279 -14.36 11.36 1.09
CA LEU A 279 -15.67 11.82 1.60
C LEU A 279 -15.61 13.34 1.85
N ALA A 280 -14.59 13.79 2.56
CA ALA A 280 -14.45 15.24 2.86
C ALA A 280 -14.34 16.08 1.63
N VAL A 281 -13.52 15.64 0.66
CA VAL A 281 -13.34 16.41 -0.53
C VAL A 281 -14.69 16.50 -1.33
N THR A 282 -15.32 15.36 -1.53
CA THR A 282 -16.57 15.27 -2.31
C THR A 282 -17.69 16.04 -1.54
N PHE A 283 -17.71 15.92 -0.22
CA PHE A 283 -18.65 16.71 0.59
C PHE A 283 -18.49 18.20 0.29
N LEU A 284 -17.25 18.69 0.37
CA LEU A 284 -17.02 20.11 0.19
C LEU A 284 -17.24 20.56 -1.29
N GLY A 285 -17.21 19.60 -2.21
CA GLY A 285 -17.52 19.83 -3.58
C GLY A 285 -19.00 20.04 -3.89
N LYS A 286 -19.87 19.69 -2.96
CA LYS A 286 -21.32 19.83 -3.23
C LYS A 286 -22.16 20.49 -2.11
N ALA A 287 -21.58 20.68 -0.94
CA ALA A 287 -22.23 21.31 0.19
C ALA A 287 -22.58 22.77 -0.03
N ASN A 288 -23.68 23.22 0.61
CA ASN A 288 -24.03 24.61 0.57
C ASN A 288 -23.27 25.28 1.74
N ALA A 289 -23.44 26.59 1.89
CA ALA A 289 -22.72 27.39 2.89
C ALA A 289 -22.98 26.91 4.30
N ALA A 290 -24.24 26.66 4.61
CA ALA A 290 -24.58 26.20 5.93
C ALA A 290 -23.88 24.90 6.28
N GLN A 291 -23.92 23.96 5.33
CA GLN A 291 -23.32 22.59 5.49
C GLN A 291 -21.80 22.61 5.65
N VAL A 292 -21.15 23.47 4.87
CA VAL A 292 -19.73 23.73 5.02
C VAL A 292 -19.41 24.31 6.39
N ALA A 293 -20.16 25.29 6.86
CA ALA A 293 -19.93 25.86 8.20
C ALA A 293 -20.04 24.79 9.31
N GLU A 294 -21.05 23.94 9.21
CA GLU A 294 -21.22 22.81 10.10
C GLU A 294 -20.08 21.81 10.03
N PHE A 295 -19.65 21.49 8.82
CA PHE A 295 -18.41 20.70 8.69
C PHE A 295 -17.23 21.38 9.38
N LYS A 296 -16.94 22.62 9.11
CA LYS A 296 -15.78 23.25 9.75
C LYS A 296 -15.89 23.24 11.29
N ALA A 297 -17.10 23.38 11.83
CA ALA A 297 -17.24 23.42 13.29
C ALA A 297 -17.08 22.07 13.96
N ASN A 298 -17.10 20.97 13.19
CA ASN A 298 -17.08 19.64 13.78
C ASN A 298 -15.95 18.68 13.31
N TYR A 299 -15.21 19.04 12.24
CA TYR A 299 -14.24 18.13 11.69
C TYR A 299 -12.96 18.23 12.51
N GLY A 300 -12.22 17.10 12.52
CA GLY A 300 -10.88 17.04 13.13
C GLY A 300 -10.84 17.15 14.67
N GLU A 301 -11.90 16.72 15.34
CA GLU A 301 -12.12 16.88 16.81
C GLU A 301 -12.40 15.49 17.36
N LYS A 302 -11.81 15.19 18.51
CA LYS A 302 -11.98 13.88 19.15
C LYS A 302 -13.44 13.62 19.61
N ASP A 303 -14.11 14.68 20.07
CA ASP A 303 -15.49 14.62 20.60
C ASP A 303 -16.46 13.74 19.77
N PRO A 304 -16.93 12.59 20.31
CA PRO A 304 -17.83 11.74 19.50
C PRO A 304 -19.08 12.37 19.01
N ALA A 305 -19.62 13.35 19.73
CA ALA A 305 -20.80 14.11 19.22
C ALA A 305 -20.47 14.78 17.86
N LYS A 306 -19.25 15.34 17.77
CA LYS A 306 -18.80 16.14 16.60
C LYS A 306 -18.54 15.22 15.44
N VAL A 307 -17.92 14.09 15.73
CA VAL A 307 -17.68 13.06 14.74
C VAL A 307 -19.02 12.57 14.18
N ALA A 308 -20.04 12.47 15.04
CA ALA A 308 -21.33 11.88 14.59
C ALA A 308 -22.11 12.93 13.74
N VAL A 309 -21.83 14.21 13.96
CA VAL A 309 -22.33 15.32 13.15
C VAL A 309 -21.72 15.26 11.74
N VAL A 310 -20.39 15.12 11.66
CA VAL A 310 -19.71 15.01 10.34
C VAL A 310 -20.24 13.79 9.60
N LYS A 311 -20.34 12.63 10.28
CA LYS A 311 -20.96 11.40 9.67
C LYS A 311 -22.40 11.64 9.20
N ARG A 312 -23.17 12.35 9.99
CA ARG A 312 -24.54 12.70 9.59
C ARG A 312 -24.51 13.57 8.33
N LEU A 313 -23.66 14.59 8.31
CA LEU A 313 -23.51 15.43 7.10
C LEU A 313 -23.22 14.59 5.83
N TYR A 314 -22.31 13.64 5.94
CA TYR A 314 -21.93 12.78 4.80
C TYR A 314 -23.09 11.93 4.28
N SER A 315 -23.87 11.35 5.21
CA SER A 315 -25.09 10.58 4.82
C SER A 315 -26.09 11.44 4.08
N LYS A 316 -26.40 12.60 4.62
CA LYS A 316 -27.42 13.44 3.97
C LYS A 316 -26.93 14.13 2.71
N ALA A 317 -25.63 14.06 2.44
CA ALA A 317 -25.06 14.61 1.22
C ALA A 317 -25.06 13.57 0.05
N ASN A 318 -25.63 12.40 0.30
CA ASN A 318 -25.77 11.34 -0.67
C ASN A 318 -24.45 11.05 -1.43
N LEU A 319 -23.38 10.86 -0.65
CA LEU A 319 -22.07 10.64 -1.23
C LEU A 319 -22.00 9.27 -1.92
N GLN A 320 -22.78 8.27 -1.50
CA GLN A 320 -22.87 6.97 -2.26
C GLN A 320 -23.24 7.15 -3.73
N ALA A 321 -24.09 8.09 -4.04
CA ALA A 321 -24.39 8.44 -5.44
C ALA A 321 -23.15 9.05 -6.17
N ASP A 322 -22.40 9.90 -5.46
CA ASP A 322 -21.14 10.39 -6.03
C ASP A 322 -20.16 9.24 -6.21
N PHE A 323 -20.15 8.33 -5.24
CA PHE A 323 -19.27 7.14 -5.29
C PHE A 323 -19.58 6.21 -6.49
N ALA A 324 -20.86 5.89 -6.70
CA ALA A 324 -21.28 5.14 -7.87
C ALA A 324 -20.77 5.75 -9.14
N ALA A 325 -20.92 7.05 -9.23
CA ALA A 325 -20.53 7.82 -10.38
C ALA A 325 -18.99 7.78 -10.59
N TYR A 326 -18.20 7.95 -9.54
CA TYR A 326 -16.73 7.79 -9.62
C TYR A 326 -16.38 6.42 -10.10
N GLU A 327 -16.99 5.43 -9.49
CA GLU A 327 -16.79 4.00 -9.79
C GLU A 327 -17.05 3.72 -11.27
N ALA A 328 -18.15 4.27 -11.80
CA ALA A 328 -18.46 4.14 -13.23
C ALA A 328 -17.44 4.71 -14.14
N GLU A 329 -16.93 5.90 -13.81
CA GLU A 329 -15.86 6.49 -14.54
C GLU A 329 -14.55 5.66 -14.47
N VAL A 330 -14.19 5.20 -13.27
CA VAL A 330 -12.96 4.39 -13.14
C VAL A 330 -13.13 3.09 -13.97
N VAL A 331 -14.30 2.46 -13.91
CA VAL A 331 -14.51 1.20 -14.72
C VAL A 331 -14.21 1.44 -16.16
N ARG A 332 -14.78 2.51 -16.65
CA ARG A 332 -14.60 2.87 -18.00
C ARG A 332 -13.15 3.19 -18.37
N GLU A 333 -12.45 3.92 -17.52
CA GLU A 333 -11.06 4.27 -17.81
C GLU A 333 -10.15 3.04 -17.68
N VAL A 334 -10.42 2.20 -16.69
CA VAL A 334 -9.59 0.96 -16.50
C VAL A 334 -9.76 0.05 -17.71
N GLU A 335 -11.00 -0.16 -18.15
CA GLU A 335 -11.30 -0.93 -19.37
C GLU A 335 -10.57 -0.38 -20.60
N SER A 336 -10.50 0.94 -20.74
CA SER A 336 -9.81 1.60 -21.86
C SER A 336 -8.30 1.32 -21.86
N LEU A 337 -7.72 1.46 -20.66
CA LEU A 337 -6.28 1.13 -20.50
C LEU A 337 -5.96 -0.35 -20.74
N ILE A 338 -6.83 -1.24 -20.30
CA ILE A 338 -6.63 -2.69 -20.52
C ILE A 338 -6.60 -3.00 -22.03
N GLU A 339 -7.48 -2.29 -22.75
CA GLU A 339 -7.54 -2.43 -24.19
C GLU A 339 -6.32 -1.92 -24.83
N GLN A 340 -5.82 -0.81 -24.37
CA GLN A 340 -4.63 -0.29 -24.93
C GLN A 340 -3.49 -1.38 -24.68
N LEU A 341 -3.45 -1.96 -23.46
CA LEU A 341 -2.38 -2.93 -23.09
C LEU A 341 -2.49 -4.20 -23.97
N LYS A 342 -3.72 -4.59 -24.32
CA LYS A 342 -3.93 -5.81 -25.17
C LYS A 342 -3.17 -5.84 -26.50
N VAL A 343 -2.98 -4.70 -27.12
CA VAL A 343 -2.14 -4.53 -28.33
C VAL A 343 -0.71 -5.14 -28.23
N LYS A 344 0.00 -4.87 -27.16
CA LYS A 344 1.34 -5.42 -26.95
C LYS A 344 1.28 -6.72 -26.19
N SER A 345 0.48 -6.83 -25.14
CA SER A 345 0.50 -8.08 -24.36
C SER A 345 -0.83 -8.37 -23.83
N PRO A 346 -1.55 -9.23 -24.55
CA PRO A 346 -2.78 -9.77 -24.01
C PRO A 346 -2.58 -10.40 -22.68
N THR A 347 -1.47 -11.11 -22.53
CA THR A 347 -1.15 -11.73 -21.27
C THR A 347 -1.05 -10.68 -20.10
N PHE A 348 -0.26 -9.65 -20.30
CA PHE A 348 -0.09 -8.63 -19.26
C PHE A 348 -1.45 -7.95 -19.05
N ALA A 349 -2.18 -7.70 -20.15
CA ALA A 349 -3.53 -7.10 -19.99
C ALA A 349 -4.41 -7.91 -19.14
N GLU A 350 -4.34 -9.24 -19.28
CA GLU A 350 -5.13 -10.09 -18.41
C GLU A 350 -4.73 -10.00 -16.94
N SER A 351 -3.44 -9.91 -16.67
CA SER A 351 -2.97 -9.78 -15.28
C SER A 351 -3.51 -8.49 -14.67
N VAL A 352 -3.50 -7.44 -15.47
CA VAL A 352 -4.10 -6.17 -15.04
C VAL A 352 -5.59 -6.31 -14.81
N ALA A 353 -6.30 -6.97 -15.73
CA ALA A 353 -7.69 -7.31 -15.51
C ALA A 353 -7.95 -8.01 -14.17
N VAL A 354 -7.09 -8.94 -13.76
CA VAL A 354 -7.25 -9.64 -12.53
C VAL A 354 -7.09 -8.73 -11.31
N VAL A 355 -6.03 -7.95 -11.33
CA VAL A 355 -5.75 -6.93 -10.36
C VAL A 355 -6.94 -6.00 -10.20
N TRP A 356 -7.49 -5.54 -11.32
CA TRP A 356 -8.72 -4.74 -11.25
C TRP A 356 -9.89 -5.50 -10.66
N GLU A 357 -10.21 -6.69 -11.16
CA GLU A 357 -11.33 -7.50 -10.52
C GLU A 357 -11.17 -7.64 -9.00
N LYS A 358 -9.98 -7.92 -8.53
CA LYS A 358 -9.72 -8.07 -7.10
C LYS A 358 -9.89 -6.81 -6.31
N THR A 359 -9.55 -5.71 -6.91
CA THR A 359 -9.78 -4.42 -6.30
C THR A 359 -11.25 -3.99 -6.31
N HIS A 360 -11.84 -4.11 -7.47
CA HIS A 360 -13.22 -3.68 -7.75
C HIS A 360 -14.25 -4.47 -6.94
N LYS A 361 -14.07 -5.78 -6.84
CA LYS A 361 -14.97 -6.68 -6.08
C LYS A 361 -14.86 -6.62 -4.53
N ARG A 362 -13.66 -6.45 -3.95
CA ARG A 362 -13.42 -6.73 -2.48
C ARG A 362 -14.42 -6.16 -1.42
S SO4 B . -3.31 -7.08 2.01
O1 SO4 B . -4.31 -7.96 2.75
O2 SO4 B . -2.06 -6.78 2.89
O3 SO4 B . -3.69 -5.75 1.65
O4 SO4 B . -2.94 -8.06 0.89
S SO4 C . 25.15 -13.77 0.73
O1 SO4 C . 25.51 -12.77 1.77
O2 SO4 C . 24.81 -15.07 1.36
O3 SO4 C . 26.29 -13.96 -0.19
O4 SO4 C . 24.05 -13.23 -0.08
C ACT D . -7.40 7.07 -21.49
O ACT D . -6.99 5.92 -21.82
OXT ACT D . -6.96 8.11 -22.05
CH3 ACT D . -8.42 7.16 -20.37
C ACT E . -11.23 9.74 -12.07
O ACT E . -10.68 9.03 -12.91
OXT ACT E . -12.49 9.76 -11.91
CH3 ACT E . -10.36 10.59 -11.19
ZN ZN F . -0.74 7.32 8.55
ZN ZN G . -8.73 4.11 5.89
N1 LV1 H . -12.19 12.54 -9.43
C4 LV1 H . -16.54 11.76 -13.26
C5 LV1 H . -17.71 11.12 -12.82
C6 LV1 H . -13.23 12.31 -10.36
C7 LV1 H . -12.06 12.53 -8.04
C8 LV1 H . -10.95 11.87 -7.50
C10 LV1 H . -11.26 13.13 -5.48
N LV1 H . -14.56 12.00 -9.98
C LV1 H . -17.81 10.82 -11.46
O LV1 H . -16.39 11.99 -14.63
C1 LV1 H . -16.77 11.10 -10.54
C11 LV1 H . -12.42 13.73 -6.00
C12 LV1 H . -12.82 13.42 -7.30
C2 LV1 H . -15.61 11.76 -10.98
C3 LV1 H . -15.51 12.11 -12.38
C9 LV1 H . -10.54 12.17 -6.22
F LV1 H . -10.78 13.55 -4.31
O1 LV1 H . -12.91 12.43 -11.56
#